data_3DGZ
#
_entry.id   3DGZ
#
_cell.length_a   110.507
_cell.length_b   110.507
_cell.length_c   208.025
_cell.angle_alpha   90.000
_cell.angle_beta   90.000
_cell.angle_gamma   90.000
#
_symmetry.space_group_name_H-M   'I 41 2 2'
#
loop_
_entity.id
_entity.type
_entity.pdbx_description
1 polymer 'Thioredoxin reductase 2'
2 non-polymer 'FLAVIN-ADENINE DINUCLEOTIDE'
3 non-polymer '[(2R,3R,4R,5R)-5-(6-AMINO-9H-PURIN-9-YL)-3-HYDROXY-4-(PHOSPHONOOXY)TETRAHYDROFURAN-2-YL]METHYL [(2R,3S,4S)-3,4-DIHYDROXYTETRAHYDROFURAN-2-YL]METHYL DIHYDROGEN DIPHOSPHATE'
4 water water
#
_entity_poly.entity_id   1
_entity_poly.type   'polypeptide(L)'
_entity_poly.pdbx_seq_one_letter_code
;AGGQQSFDLLVIGGGSGGLACAKEAAQLGKKVAVADYVEPSPRGTKWGLGGTCVNVGCIPKKLMHQAALLGGMIRDAHHY
GWEVAQPVQHNWKTMAEAVQNHVKSLNWGHRVQLQDRKVKYFNIKASFVDEHTVRGVDKGGKATLLSAEHIVIATGGRPR
YPTQVKGALEYGITSDDIFWLKESPGKTLVVGASYVALECAGFLTGIGLDTTVMMRSIPLRGFDQQMSSLVTEHMESHGT
QFLKGCVPSHIKKLPTNQLQVTWEDHASGKEDTGTFDTVLWAIGRVPETRTLNLEKAGISTNPKNQKIIVDAQEATSVPH
IYAIGDVAEGRPELTPTAIKAGKLLAQRLFGKSSTLMDYSNVPTTVFTPLEYGCVGLSEEEAVALHGQEHVEVYHAYYKP
LEFTVADRDASQCYIKMVCMREPPQLVLGLHFLGPNAGEVTQGFALGIKCGASYAQVMQTVGIHPTCSEEVVKLHISKRS
GLEPTVTG
;
_entity_poly.pdbx_strand_id   A
#
loop_
_chem_comp.id
_chem_comp.type
_chem_comp.name
_chem_comp.formula
FAD non-polymer 'FLAVIN-ADENINE DINUCLEOTIDE' 'C27 H33 N9 O15 P2'
NA7 non-polymer '[(2R,3R,4R,5R)-5-(6-AMINO-9H-PURIN-9-YL)-3-HYDROXY-4-(PHOSPHONOOXY)TETRAHYDROFURAN-2-YL]METHYL [(2R,3S,4S)-3,4-DIHYDROXYTETRAHYDROFURAN-2-YL]METHYL DIHYDROGEN DIPHOSPHATE' 'C15 H24 N5 O16 P3'
#
# COMPACT_ATOMS: atom_id res chain seq x y z
N GLN A 4 22.58 -9.32 22.10
CA GLN A 4 23.60 -9.82 23.04
C GLN A 4 23.23 -11.27 23.32
N GLN A 5 22.37 -11.53 24.31
CA GLN A 5 22.23 -12.92 24.78
C GLN A 5 20.97 -13.65 24.32
N SER A 6 20.32 -14.32 25.29
CA SER A 6 18.96 -14.85 25.25
C SER A 6 18.02 -13.67 25.70
N PHE A 7 16.71 -13.89 25.11
CA PHE A 7 15.68 -12.88 25.30
C PHE A 7 14.35 -13.61 25.52
N ASP A 8 13.38 -12.96 26.16
CA ASP A 8 12.01 -13.51 26.20
C ASP A 8 11.42 -13.55 24.79
N LEU A 9 11.57 -12.42 24.10
CA LEU A 9 11.12 -12.24 22.75
C LEU A 9 12.25 -11.64 21.87
N LEU A 10 12.47 -12.28 20.72
CA LEU A 10 13.24 -11.67 19.66
C LEU A 10 12.33 -11.44 18.44
N VAL A 11 12.35 -10.22 17.90
CA VAL A 11 11.64 -9.94 16.67
C VAL A 11 12.63 -9.72 15.51
N ILE A 12 12.36 -10.38 14.40
CA ILE A 12 13.11 -10.18 13.14
C ILE A 12 12.33 -9.30 12.16
N GLY A 13 12.80 -8.06 12.00
CA GLY A 13 12.14 -7.08 11.12
C GLY A 13 11.66 -5.96 12.04
N GLY A 14 12.31 -4.78 11.91
CA GLY A 14 11.98 -3.63 12.71
C GLY A 14 10.98 -2.82 11.90
N GLY A 15 9.84 -3.42 11.54
CA GLY A 15 8.88 -2.73 10.69
C GLY A 15 7.54 -2.54 11.37
N SER A 16 6.47 -2.37 10.59
CA SER A 16 5.14 -2.08 11.17
C SER A 16 4.70 -3.10 12.23
N GLY A 17 4.73 -4.36 11.83
CA GLY A 17 4.27 -5.45 12.67
C GLY A 17 5.25 -5.72 13.78
N GLY A 18 6.54 -5.61 13.47
CA GLY A 18 7.59 -6.08 14.40
C GLY A 18 7.83 -5.04 15.51
N LEU A 19 7.87 -3.78 15.14
CA LEU A 19 8.03 -2.74 16.16
C LEU A 19 6.84 -2.66 17.04
N ALA A 20 5.64 -2.83 16.47
CA ALA A 20 4.38 -2.85 17.26
C ALA A 20 4.37 -4.03 18.29
N CYS A 21 4.87 -5.18 17.84
CA CYS A 21 4.94 -6.40 18.67
C CYS A 21 6.00 -6.25 19.77
N ALA A 22 7.18 -5.78 19.37
CA ALA A 22 8.29 -5.55 20.31
C ALA A 22 7.87 -4.60 21.42
N LYS A 23 7.33 -3.45 21.02
CA LYS A 23 6.94 -2.43 22.02
C LYS A 23 5.93 -2.94 23.03
N GLU A 24 4.92 -3.67 22.53
CA GLU A 24 3.83 -4.14 23.37
C GLU A 24 4.34 -5.29 24.23
N ALA A 25 5.33 -6.03 23.74
CA ALA A 25 5.92 -7.10 24.56
C ALA A 25 6.69 -6.48 25.72
N ALA A 26 7.44 -5.42 25.42
CA ALA A 26 8.21 -4.69 26.41
C ALA A 26 7.34 -3.93 27.40
N GLN A 27 6.15 -3.48 26.99
CA GLN A 27 5.23 -2.82 27.94
C GLN A 27 4.57 -3.84 28.88
N LEU A 28 4.54 -5.11 28.46
CA LEU A 28 4.02 -6.18 29.32
C LEU A 28 5.16 -6.80 30.15
N GLY A 29 6.27 -6.08 30.25
CA GLY A 29 7.35 -6.40 31.20
C GLY A 29 8.45 -7.32 30.71
N LYS A 30 8.41 -7.65 29.42
CA LYS A 30 9.24 -8.71 28.85
C LYS A 30 10.59 -8.19 28.40
N LYS A 31 11.61 -9.07 28.44
CA LYS A 31 12.92 -8.75 27.85
C LYS A 31 12.97 -9.06 26.34
N VAL A 32 13.15 -7.99 25.53
CA VAL A 32 12.94 -7.98 24.09
C VAL A 32 14.11 -7.40 23.27
N ALA A 33 14.37 -8.06 22.13
CA ALA A 33 15.30 -7.59 21.13
C ALA A 33 14.56 -7.45 19.79
N VAL A 34 14.94 -6.46 18.98
CA VAL A 34 14.59 -6.51 17.58
C VAL A 34 15.84 -6.43 16.69
N ALA A 35 15.88 -7.24 15.63
CA ALA A 35 16.96 -7.09 14.65
C ALA A 35 16.37 -6.41 13.45
N ASP A 36 16.97 -5.32 13.01
CA ASP A 36 16.55 -4.72 11.76
C ASP A 36 17.72 -4.33 10.91
N TYR A 37 17.63 -4.68 9.65
CA TYR A 37 18.68 -4.43 8.70
C TYR A 37 17.98 -4.14 7.38
N VAL A 38 18.41 -3.08 6.72
CA VAL A 38 17.89 -2.74 5.42
C VAL A 38 18.97 -3.04 4.42
N GLU A 39 18.77 -4.10 3.64
CA GLU A 39 19.61 -4.42 2.51
C GLU A 39 19.39 -3.41 1.37
N PRO A 40 20.43 -2.67 0.93
CA PRO A 40 20.13 -1.67 -0.12
C PRO A 40 19.40 -2.17 -1.37
N SER A 41 18.61 -1.31 -1.99
CA SER A 41 17.97 -1.70 -3.24
C SER A 41 19.11 -1.97 -4.24
N PRO A 42 18.86 -2.73 -5.33
CA PRO A 42 19.89 -2.85 -6.37
C PRO A 42 20.48 -1.49 -6.83
N ARG A 43 19.69 -0.43 -6.77
CA ARG A 43 20.23 0.90 -7.08
C ARG A 43 21.04 1.58 -5.96
N GLY A 44 21.20 0.96 -4.77
CA GLY A 44 21.97 1.54 -3.68
C GLY A 44 21.19 2.38 -2.69
N THR A 45 19.84 2.33 -2.72
CA THR A 45 19.06 3.04 -1.77
C THR A 45 18.92 2.19 -0.50
N LYS A 46 19.13 2.81 0.67
CA LYS A 46 18.83 2.19 1.96
C LYS A 46 18.40 3.33 2.88
N TRP A 47 18.00 3.01 4.11
CA TRP A 47 17.26 3.93 4.97
C TRP A 47 17.24 3.35 6.38
N GLY A 48 16.65 4.06 7.35
CA GLY A 48 16.79 3.72 8.80
C GLY A 48 15.67 2.85 9.37
N LEU A 49 15.50 2.86 10.68
CA LEU A 49 14.49 2.03 11.36
C LEU A 49 13.03 2.48 11.09
N GLY A 50 12.14 1.47 10.98
CA GLY A 50 10.68 1.69 10.93
C GLY A 50 9.98 0.83 9.88
N GLY A 51 10.71 0.28 8.92
CA GLY A 51 10.16 -0.60 7.90
C GLY A 51 9.67 0.13 6.63
N THR A 52 8.90 -0.59 5.84
CA THR A 52 8.50 -0.20 4.50
C THR A 52 7.56 1.03 4.50
N CYS A 53 6.51 0.99 5.35
CA CYS A 53 5.55 2.10 5.46
C CYS A 53 6.17 3.46 5.77
N VAL A 54 6.99 3.48 6.81
CA VAL A 54 7.72 4.65 7.28
C VAL A 54 8.66 5.21 6.20
N ASN A 55 9.45 4.29 5.59
CA ASN A 55 10.55 4.75 4.79
C ASN A 55 10.31 4.76 3.28
N VAL A 56 9.53 3.79 2.80
CA VAL A 56 9.39 3.52 1.31
C VAL A 56 7.98 3.08 0.94
N GLY A 57 7.02 3.44 1.80
CA GLY A 57 5.62 2.99 1.64
C GLY A 57 4.63 4.13 1.88
N CYS A 58 3.64 3.86 2.75
CA CYS A 58 2.52 4.75 3.00
C CYS A 58 2.95 6.20 3.26
N ILE A 59 3.89 6.40 4.13
CA ILE A 59 4.20 7.74 4.55
C ILE A 59 4.75 8.63 3.42
N PRO A 60 5.93 8.31 2.83
CA PRO A 60 6.42 9.15 1.71
C PRO A 60 5.52 9.19 0.50
N LYS A 61 4.77 8.11 0.22
CA LYS A 61 3.71 8.02 -0.83
C LYS A 61 2.56 8.99 -0.64
N LYS A 62 1.98 8.98 0.54
CA LYS A 62 0.94 9.91 0.98
C LYS A 62 1.41 11.37 0.89
N LEU A 63 2.64 11.63 1.31
CA LEU A 63 3.14 13.00 1.30
C LEU A 63 3.37 13.57 -0.15
N MET A 64 3.81 12.75 -1.10
CA MET A 64 4.11 13.13 -2.43
C MET A 64 2.77 13.21 -3.19
N HIS A 65 1.78 12.37 -2.81
CA HIS A 65 0.39 12.52 -3.25
C HIS A 65 -0.16 13.86 -2.85
N GLN A 66 0.09 14.25 -1.64
CA GLN A 66 -0.30 15.54 -1.14
C GLN A 66 0.39 16.70 -1.88
N ALA A 67 1.68 16.53 -2.21
CA ALA A 67 2.39 17.46 -3.13
C ALA A 67 1.61 17.66 -4.43
N ALA A 68 1.13 16.54 -4.98
CA ALA A 68 0.39 16.51 -6.20
C ALA A 68 -0.98 17.19 -6.04
N LEU A 69 -1.73 16.80 -5.02
CA LEU A 69 -2.96 17.48 -4.66
C LEU A 69 -2.80 19.00 -4.43
N LEU A 70 -1.70 19.42 -3.82
CA LEU A 70 -1.48 20.84 -3.53
C LEU A 70 -1.34 21.67 -4.81
N GLY A 71 -0.81 21.07 -5.89
CA GLY A 71 -0.71 21.75 -7.15
C GLY A 71 -2.10 21.96 -7.73
N GLY A 72 -2.97 20.99 -7.52
CA GLY A 72 -4.39 21.19 -7.93
C GLY A 72 -5.07 22.24 -7.06
N MET A 73 -4.76 22.28 -5.77
CA MET A 73 -5.27 23.31 -4.85
C MET A 73 -4.89 24.74 -5.28
N ILE A 74 -3.67 24.90 -5.73
CA ILE A 74 -3.22 26.17 -6.20
C ILE A 74 -4.04 26.66 -7.40
N ARG A 75 -4.34 25.76 -8.37
CA ARG A 75 -5.21 26.12 -9.50
C ARG A 75 -6.62 26.45 -8.99
N ASP A 76 -7.21 25.54 -8.20
CA ASP A 76 -8.53 25.86 -7.59
C ASP A 76 -8.59 27.32 -6.98
N ALA A 77 -7.53 27.70 -6.25
CA ALA A 77 -7.48 28.90 -5.41
C ALA A 77 -7.74 30.18 -6.19
N HIS A 78 -7.23 30.29 -7.41
CA HIS A 78 -7.50 31.47 -8.22
C HIS A 78 -9.01 31.65 -8.54
N HIS A 79 -9.76 30.57 -8.78
CA HIS A 79 -11.27 30.65 -8.89
C HIS A 79 -11.92 31.22 -7.59
N TYR A 80 -11.33 30.90 -6.44
CA TYR A 80 -11.81 31.36 -5.15
C TYR A 80 -11.27 32.74 -4.73
N GLY A 81 -10.61 33.43 -5.66
CA GLY A 81 -10.14 34.78 -5.36
C GLY A 81 -8.66 34.99 -5.03
N TRP A 82 -7.89 33.91 -4.90
CA TRP A 82 -6.46 34.10 -4.66
C TRP A 82 -5.68 34.46 -5.95
N GLU A 83 -4.91 35.57 -5.88
CA GLU A 83 -4.26 36.13 -7.07
C GLU A 83 -2.87 35.56 -7.20
N VAL A 84 -2.86 34.24 -7.37
CA VAL A 84 -1.66 33.50 -7.49
C VAL A 84 -1.17 33.55 -8.95
N ALA A 85 0.17 33.68 -9.09
CA ALA A 85 0.86 33.85 -10.39
C ALA A 85 0.98 32.45 -10.94
N GLN A 86 0.52 32.18 -12.16
CA GLN A 86 -0.20 30.91 -12.38
C GLN A 86 0.44 29.64 -12.81
N PRO A 87 1.14 29.60 -13.96
CA PRO A 87 1.91 28.34 -14.04
C PRO A 87 2.99 28.36 -12.91
N VAL A 88 2.70 27.75 -11.76
CA VAL A 88 3.66 27.66 -10.65
C VAL A 88 4.53 26.43 -10.87
N GLN A 89 5.84 26.61 -10.77
CA GLN A 89 6.78 25.47 -10.91
C GLN A 89 6.89 24.62 -9.64
N HIS A 90 7.19 23.34 -9.83
CA HIS A 90 7.43 22.40 -8.70
C HIS A 90 8.91 22.07 -8.69
N ASN A 91 9.51 22.05 -7.50
CA ASN A 91 10.93 21.65 -7.31
C ASN A 91 11.00 20.28 -6.59
N TRP A 92 11.27 19.21 -7.34
CA TRP A 92 11.47 17.86 -6.79
C TRP A 92 12.30 17.79 -5.46
N LYS A 93 13.51 18.34 -5.57
CA LYS A 93 14.50 18.45 -4.49
C LYS A 93 14.00 19.10 -3.18
N THR A 94 13.32 20.25 -3.28
CA THR A 94 12.61 20.77 -2.10
C THR A 94 11.60 19.74 -1.55
N MET A 95 10.76 19.15 -2.43
CA MET A 95 9.82 18.16 -1.98
C MET A 95 10.50 16.96 -1.26
N ALA A 96 11.39 16.27 -1.99
CA ALA A 96 12.09 15.09 -1.56
C ALA A 96 12.76 15.29 -0.19
N GLU A 97 13.51 16.39 -0.10
CA GLU A 97 14.13 16.87 1.14
C GLU A 97 13.15 16.93 2.30
N ALA A 98 12.07 17.67 2.12
CA ALA A 98 11.01 17.76 3.17
C ALA A 98 10.46 16.36 3.53
N VAL A 99 10.06 15.60 2.52
CA VAL A 99 9.52 14.25 2.74
C VAL A 99 10.53 13.41 3.51
N GLN A 100 11.81 13.47 3.11
CA GLN A 100 12.85 12.60 3.70
C GLN A 100 13.13 13.00 5.16
N ASN A 101 13.11 14.30 5.44
CA ASN A 101 13.26 14.79 6.78
C ASN A 101 12.16 14.30 7.72
N HIS A 102 10.92 14.26 7.22
CA HIS A 102 9.91 13.69 8.05
C HIS A 102 10.09 12.20 8.28
N VAL A 103 10.45 11.46 7.25
CA VAL A 103 10.80 10.04 7.42
C VAL A 103 11.92 9.87 8.50
N LYS A 104 12.96 10.71 8.43
CA LYS A 104 14.13 10.61 9.35
C LYS A 104 13.66 10.86 10.77
N SER A 105 12.67 11.78 10.96
CA SER A 105 12.07 12.05 12.29
C SER A 105 11.30 10.81 12.86
N LEU A 106 10.73 10.01 11.98
CA LEU A 106 10.11 8.75 12.34
C LEU A 106 11.12 7.65 12.68
N ASN A 107 12.26 7.64 11.99
CA ASN A 107 13.31 6.70 12.20
C ASN A 107 13.78 6.94 13.65
N TRP A 108 14.05 8.23 13.92
CA TRP A 108 14.53 8.73 15.23
C TRP A 108 13.42 8.52 16.32
N GLY A 109 12.13 8.80 16.04
CA GLY A 109 11.05 8.46 17.03
C GLY A 109 10.95 6.97 17.43
N HIS A 110 11.09 6.07 16.46
CA HIS A 110 11.18 4.64 16.77
C HIS A 110 12.42 4.26 17.63
N ARG A 111 13.58 4.89 17.40
CA ARG A 111 14.81 4.56 18.19
C ARG A 111 14.58 4.94 19.62
N VAL A 112 13.97 6.11 19.80
CA VAL A 112 13.71 6.68 21.10
C VAL A 112 12.69 5.82 21.85
N GLN A 113 11.72 5.24 21.14
CA GLN A 113 10.64 4.50 21.79
C GLN A 113 11.17 3.13 22.21
N LEU A 114 12.09 2.57 21.40
CA LEU A 114 12.90 1.39 21.79
C LEU A 114 13.76 1.63 23.05
N GLN A 115 14.63 2.64 23.01
CA GLN A 115 15.41 3.12 24.19
C GLN A 115 14.51 3.28 25.45
N ASP A 116 13.42 4.04 25.28
CA ASP A 116 12.44 4.31 26.35
C ASP A 116 11.85 3.05 27.00
N ARG A 117 11.53 2.04 26.20
CA ARG A 117 10.93 0.79 26.67
C ARG A 117 12.01 -0.29 26.97
N LYS A 118 13.28 0.12 26.89
CA LYS A 118 14.45 -0.78 27.03
C LYS A 118 14.36 -2.04 26.14
N VAL A 119 14.10 -1.83 24.85
CA VAL A 119 14.22 -2.88 23.82
C VAL A 119 15.56 -2.64 23.17
N LYS A 120 16.33 -3.74 23.00
CA LYS A 120 17.65 -3.65 22.40
C LYS A 120 17.38 -3.82 20.93
N TYR A 121 17.91 -2.87 20.15
CA TYR A 121 17.85 -2.89 18.71
C TYR A 121 19.22 -3.28 18.13
N PHE A 122 19.24 -4.34 17.33
CA PHE A 122 20.49 -4.75 16.70
C PHE A 122 20.34 -4.41 15.24
N ASN A 123 21.09 -3.44 14.75
CA ASN A 123 21.16 -3.18 13.30
C ASN A 123 21.99 -4.31 12.60
N ILE A 124 21.32 -5.45 12.49
CA ILE A 124 21.94 -6.71 12.13
C ILE A 124 21.05 -7.53 11.17
N LYS A 125 21.65 -8.05 10.11
CA LYS A 125 20.94 -8.91 9.12
C LYS A 125 20.85 -10.37 9.65
N ALA A 126 19.69 -10.70 10.22
CA ALA A 126 19.45 -12.01 10.85
C ALA A 126 19.19 -13.13 9.86
N SER A 127 19.67 -14.33 10.20
CA SER A 127 19.18 -15.57 9.58
C SER A 127 19.21 -16.67 10.63
N PHE A 128 18.33 -17.66 10.44
CA PHE A 128 18.21 -18.77 11.37
C PHE A 128 19.40 -19.78 11.36
N VAL A 129 19.99 -20.00 12.54
CA VAL A 129 20.97 -21.07 12.72
C VAL A 129 20.28 -22.36 13.28
N ASP A 130 19.34 -22.18 14.21
CA ASP A 130 18.38 -23.25 14.62
C ASP A 130 17.03 -22.63 15.09
N GLU A 131 16.14 -23.43 15.68
CA GLU A 131 14.79 -22.93 15.94
C GLU A 131 14.69 -22.01 17.17
N HIS A 132 15.82 -21.79 17.82
CA HIS A 132 15.91 -20.97 19.01
C HIS A 132 16.90 -19.83 18.76
N THR A 133 17.74 -20.00 17.74
CA THR A 133 18.95 -19.17 17.57
C THR A 133 19.09 -18.55 16.18
N VAL A 134 19.61 -17.33 16.20
CA VAL A 134 19.74 -16.47 15.06
C VAL A 134 21.14 -15.81 15.03
N ARG A 135 21.72 -15.73 13.84
CA ARG A 135 23.00 -15.04 13.68
C ARG A 135 22.82 -13.76 12.89
N GLY A 136 23.33 -12.68 13.43
CA GLY A 136 23.20 -11.41 12.78
C GLY A 136 24.56 -10.93 12.42
N VAL A 137 24.63 -10.23 11.28
CA VAL A 137 25.88 -9.67 10.81
C VAL A 137 25.67 -8.18 10.60
N ASP A 138 26.40 -7.37 11.36
CA ASP A 138 26.36 -5.90 11.16
C ASP A 138 27.02 -5.47 9.82
N LYS A 139 26.91 -4.17 9.56
CA LYS A 139 27.48 -3.52 8.37
C LYS A 139 29.02 -3.57 8.30
N GLY A 140 29.67 -3.86 9.42
CA GLY A 140 31.15 -4.08 9.45
C GLY A 140 31.59 -5.55 9.37
N GLY A 141 30.73 -6.40 8.83
CA GLY A 141 30.91 -7.85 8.78
C GLY A 141 31.04 -8.57 10.11
N LYS A 142 30.61 -7.98 11.23
CA LYS A 142 30.72 -8.66 12.55
C LYS A 142 29.48 -9.52 12.82
N ALA A 143 29.70 -10.79 13.16
CA ALA A 143 28.60 -11.68 13.51
C ALA A 143 28.27 -11.66 15.01
N THR A 144 26.97 -11.69 15.32
CA THR A 144 26.46 -11.87 16.69
C THR A 144 25.43 -13.02 16.76
N LEU A 145 25.31 -13.65 17.91
CA LEU A 145 24.38 -14.75 18.15
C LEU A 145 23.33 -14.32 19.15
N LEU A 146 22.08 -14.54 18.76
CA LEU A 146 20.92 -14.18 19.55
C LEU A 146 19.97 -15.37 19.59
N SER A 147 19.45 -15.64 20.76
CA SER A 147 18.42 -16.66 20.87
C SER A 147 17.36 -16.08 21.76
N ALA A 148 16.15 -16.60 21.63
CA ALA A 148 15.06 -16.12 22.42
C ALA A 148 14.12 -17.30 22.55
N GLU A 149 13.33 -17.29 23.63
CA GLU A 149 12.28 -18.26 23.84
C GLU A 149 11.24 -18.26 22.74
N HIS A 150 10.69 -17.08 22.43
CA HIS A 150 9.72 -16.85 21.33
C HIS A 150 10.36 -15.98 20.26
N ILE A 151 10.10 -16.31 19.00
CA ILE A 151 10.60 -15.52 17.88
C ILE A 151 9.38 -15.06 17.01
N VAL A 152 9.40 -13.77 16.61
CA VAL A 152 8.37 -13.25 15.66
C VAL A 152 9.12 -12.74 14.44
N ILE A 153 8.75 -13.27 13.29
CA ILE A 153 9.37 -12.84 12.03
C ILE A 153 8.36 -11.90 11.41
N ALA A 154 8.84 -10.69 11.12
CA ALA A 154 8.03 -9.63 10.49
C ALA A 154 8.95 -8.94 9.51
N THR A 155 9.45 -9.70 8.53
CA THR A 155 10.48 -9.25 7.63
C THR A 155 10.03 -8.56 6.34
N GLY A 156 8.71 -8.44 6.16
CA GLY A 156 8.11 -7.67 5.04
C GLY A 156 8.49 -8.30 3.72
N GLY A 157 8.62 -7.50 2.67
CA GLY A 157 8.81 -8.01 1.34
C GLY A 157 9.60 -6.90 0.71
N ARG A 158 10.07 -7.08 -0.52
CA ARG A 158 10.72 -5.99 -1.27
C ARG A 158 10.19 -5.98 -2.69
N PRO A 159 10.44 -4.88 -3.45
CA PRO A 159 10.03 -4.89 -4.88
C PRO A 159 10.60 -6.00 -5.77
N ARG A 160 9.72 -6.60 -6.60
CA ARG A 160 10.07 -7.61 -7.61
C ARG A 160 10.66 -6.97 -8.84
N TYR A 161 11.67 -7.66 -9.40
CA TYR A 161 12.23 -7.37 -10.70
C TYR A 161 11.82 -8.41 -11.72
N PRO A 162 11.58 -7.98 -12.97
CA PRO A 162 11.24 -8.94 -14.00
C PRO A 162 12.41 -9.82 -14.39
N THR A 163 12.10 -11.02 -14.84
CA THR A 163 13.11 -11.79 -15.53
C THR A 163 12.76 -11.64 -16.99
N GLN A 164 13.76 -11.76 -17.84
CA GLN A 164 13.47 -11.83 -19.24
C GLN A 164 13.48 -10.44 -19.85
N VAL A 165 13.65 -9.40 -19.02
CA VAL A 165 13.78 -8.04 -19.57
C VAL A 165 15.21 -7.59 -19.36
N LYS A 166 16.05 -7.73 -20.38
CA LYS A 166 17.44 -7.31 -20.26
C LYS A 166 17.54 -5.77 -20.07
N GLY A 167 18.34 -5.32 -19.11
CA GLY A 167 18.48 -3.92 -18.84
C GLY A 167 17.59 -3.50 -17.68
N ALA A 168 16.69 -4.38 -17.25
CA ALA A 168 15.76 -4.05 -16.17
C ALA A 168 16.47 -3.76 -14.83
N LEU A 169 17.36 -4.68 -14.44
CA LEU A 169 18.11 -4.61 -13.16
C LEU A 169 19.11 -3.44 -13.14
N GLU A 170 19.69 -3.15 -14.30
CA GLU A 170 20.71 -2.11 -14.41
C GLU A 170 20.16 -0.69 -14.48
N TYR A 171 19.03 -0.52 -15.17
CA TYR A 171 18.55 0.82 -15.49
C TYR A 171 17.30 1.22 -14.76
N GLY A 172 16.54 0.23 -14.29
CA GLY A 172 15.28 0.48 -13.66
C GLY A 172 15.43 0.80 -12.19
N ILE A 173 14.37 1.32 -11.60
CA ILE A 173 14.31 1.64 -10.21
C ILE A 173 12.94 1.05 -9.78
N THR A 174 12.70 1.06 -8.46
CA THR A 174 11.49 0.51 -7.84
C THR A 174 11.00 1.54 -6.82
N SER A 175 9.90 1.25 -6.11
CA SER A 175 9.37 2.14 -5.10
C SER A 175 10.35 2.46 -3.97
N ASP A 176 11.40 1.65 -3.84
CA ASP A 176 12.41 1.78 -2.77
C ASP A 176 13.30 2.99 -3.07
N ASP A 177 13.45 3.30 -4.35
CA ASP A 177 14.36 4.31 -4.83
C ASP A 177 13.64 5.66 -5.04
N ILE A 178 12.38 5.58 -5.46
CA ILE A 178 11.64 6.75 -5.90
C ILE A 178 11.50 7.87 -4.89
N PHE A 179 11.31 7.48 -3.62
CA PHE A 179 11.16 8.42 -2.54
C PHE A 179 12.49 9.05 -2.14
N TRP A 180 13.60 8.52 -2.67
CA TRP A 180 14.92 8.88 -2.20
C TRP A 180 15.78 9.46 -3.30
N LEU A 181 15.17 9.74 -4.45
CA LEU A 181 15.91 10.28 -5.59
C LEU A 181 16.50 11.63 -5.28
N LYS A 182 17.79 11.79 -5.53
CA LYS A 182 18.46 13.10 -5.52
C LYS A 182 17.82 14.05 -6.55
N GLU A 183 17.60 13.57 -7.76
CA GLU A 183 17.09 14.46 -8.79
C GLU A 183 15.71 13.97 -9.22
N SER A 184 15.00 14.86 -9.90
CA SER A 184 13.73 14.56 -10.53
C SER A 184 13.87 13.34 -11.44
N PRO A 185 12.91 12.40 -11.38
CA PRO A 185 13.05 11.33 -12.42
C PRO A 185 12.70 11.79 -13.88
N GLY A 186 12.21 13.02 -14.10
CA GLY A 186 11.91 13.55 -15.44
C GLY A 186 10.85 12.62 -16.01
N LYS A 187 10.97 12.34 -17.30
CA LYS A 187 10.00 11.54 -18.05
C LYS A 187 10.04 10.11 -17.59
N THR A 188 8.93 9.61 -17.03
CA THR A 188 8.91 8.32 -16.35
C THR A 188 7.92 7.34 -17.01
N LEU A 189 8.43 6.15 -17.33
CA LEU A 189 7.58 4.99 -17.57
C LEU A 189 7.41 4.21 -16.24
N VAL A 190 6.17 3.95 -15.86
CA VAL A 190 5.89 3.10 -14.70
C VAL A 190 5.34 1.75 -15.21
N VAL A 191 6.06 0.65 -14.91
CA VAL A 191 5.62 -0.58 -15.40
C VAL A 191 4.83 -1.26 -14.29
N GLY A 192 3.54 -1.46 -14.51
CA GLY A 192 2.67 -2.31 -13.66
C GLY A 192 1.30 -1.64 -13.57
N ALA A 193 0.37 -2.24 -12.84
CA ALA A 193 -1.03 -1.89 -12.88
C ALA A 193 -1.69 -1.97 -11.46
N SER A 194 -0.84 -2.17 -10.45
CA SER A 194 -1.16 -2.28 -9.05
C SER A 194 -1.35 -0.89 -8.45
N TYR A 195 -1.70 -0.86 -7.18
CA TYR A 195 -1.94 0.40 -6.50
C TYR A 195 -0.65 1.23 -6.34
N VAL A 196 0.48 0.57 -6.12
CA VAL A 196 1.77 1.19 -6.13
C VAL A 196 2.03 1.86 -7.50
N ALA A 197 1.93 1.11 -8.59
CA ALA A 197 2.09 1.65 -9.91
C ALA A 197 1.22 2.95 -10.13
N LEU A 198 -0.05 2.83 -9.79
CA LEU A 198 -1.05 3.86 -10.08
C LEU A 198 -0.88 5.05 -9.15
N GLU A 199 -0.66 4.78 -7.86
CA GLU A 199 -0.22 5.83 -6.87
C GLU A 199 1.00 6.65 -7.28
N CYS A 200 2.09 5.97 -7.65
CA CYS A 200 3.31 6.64 -8.04
C CYS A 200 3.11 7.35 -9.36
N ALA A 201 2.59 6.64 -10.36
CA ALA A 201 2.26 7.35 -11.63
C ALA A 201 1.44 8.60 -11.39
N GLY A 202 0.46 8.49 -10.49
CA GLY A 202 -0.35 9.56 -10.20
C GLY A 202 0.34 10.76 -9.62
N PHE A 203 1.21 10.57 -8.64
CA PHE A 203 1.72 11.77 -8.03
C PHE A 203 2.76 12.45 -8.94
N LEU A 204 3.39 11.62 -9.78
CA LEU A 204 4.38 12.11 -10.74
C LEU A 204 3.68 13.02 -11.79
N THR A 205 2.52 12.58 -12.28
CA THR A 205 1.78 13.34 -13.23
C THR A 205 1.39 14.61 -12.50
N GLY A 206 0.98 14.47 -11.23
CA GLY A 206 0.47 15.60 -10.42
C GLY A 206 1.50 16.71 -10.14
N ILE A 207 2.79 16.35 -10.08
CA ILE A 207 3.90 17.33 -9.86
C ILE A 207 4.52 17.79 -11.19
N GLY A 208 3.89 17.32 -12.29
CA GLY A 208 4.11 17.92 -13.56
C GLY A 208 5.09 17.18 -14.41
N LEU A 209 5.36 15.92 -14.11
CA LEU A 209 6.27 15.11 -14.91
C LEU A 209 5.51 14.35 -16.00
N ASP A 210 6.10 14.27 -17.17
CA ASP A 210 5.56 13.44 -18.24
C ASP A 210 5.62 11.93 -17.84
N THR A 211 4.44 11.35 -17.57
CA THR A 211 4.33 10.01 -16.94
C THR A 211 3.46 9.02 -17.80
N THR A 212 3.97 7.81 -17.99
CA THR A 212 3.26 6.77 -18.68
C THR A 212 3.20 5.53 -17.81
N VAL A 213 2.07 4.83 -17.87
CA VAL A 213 1.83 3.54 -17.17
C VAL A 213 1.70 2.40 -18.18
N MET A 214 2.55 1.39 -18.03
CA MET A 214 2.47 0.21 -18.88
C MET A 214 1.75 -0.90 -18.13
N MET A 215 0.53 -1.19 -18.59
CA MET A 215 -0.28 -2.32 -18.06
C MET A 215 -0.33 -3.46 -19.04
N ARG A 216 -0.08 -4.66 -18.54
CA ARG A 216 -0.16 -5.84 -19.32
C ARG A 216 -1.60 -6.24 -19.58
N SER A 217 -2.42 -6.02 -18.55
CA SER A 217 -3.79 -6.50 -18.49
C SER A 217 -4.71 -5.42 -17.85
N ILE A 218 -5.49 -5.82 -16.85
CA ILE A 218 -6.40 -4.95 -16.09
C ILE A 218 -5.65 -4.13 -15.03
N PRO A 219 -6.21 -2.95 -14.67
CA PRO A 219 -5.79 -2.21 -13.48
C PRO A 219 -6.27 -2.89 -12.21
N LEU A 220 -5.44 -2.86 -11.16
CA LEU A 220 -5.87 -3.22 -9.81
C LEU A 220 -6.60 -4.59 -9.69
N ARG A 221 -6.01 -5.62 -10.31
CA ARG A 221 -6.49 -6.98 -10.13
C ARG A 221 -6.83 -7.22 -8.63
N GLY A 222 -7.94 -7.86 -8.38
CA GLY A 222 -8.40 -8.11 -7.04
C GLY A 222 -9.25 -6.97 -6.45
N PHE A 223 -9.25 -5.78 -7.08
CA PHE A 223 -10.13 -4.68 -6.64
C PHE A 223 -11.38 -4.71 -7.58
N ASP A 224 -12.52 -4.21 -7.10
CA ASP A 224 -13.73 -4.05 -7.92
C ASP A 224 -13.30 -3.42 -9.22
N GLN A 225 -13.66 -4.05 -10.32
CA GLN A 225 -13.18 -3.74 -11.66
C GLN A 225 -13.79 -2.50 -12.32
N GLN A 226 -15.06 -2.27 -11.99
CA GLN A 226 -15.72 -1.02 -12.42
C GLN A 226 -15.06 0.16 -11.68
N MET A 227 -14.81 0.03 -10.38
CA MET A 227 -14.07 1.11 -9.67
C MET A 227 -12.67 1.38 -10.25
N SER A 228 -11.93 0.32 -10.48
CA SER A 228 -10.51 0.34 -10.98
C SER A 228 -10.43 1.00 -12.34
N SER A 229 -11.47 0.79 -13.13
CA SER A 229 -11.48 1.39 -14.44
C SER A 229 -11.87 2.87 -14.43
N LEU A 230 -12.83 3.24 -13.58
CA LEU A 230 -12.99 4.68 -13.22
C LEU A 230 -11.70 5.38 -12.76
N VAL A 231 -10.88 4.73 -11.91
CA VAL A 231 -9.69 5.32 -11.40
C VAL A 231 -8.69 5.62 -12.53
N THR A 232 -8.43 4.67 -13.42
CA THR A 232 -7.59 4.96 -14.55
C THR A 232 -8.14 5.92 -15.63
N GLU A 233 -9.47 5.93 -15.84
CA GLU A 233 -10.10 6.87 -16.73
C GLU A 233 -9.82 8.25 -16.23
N HIS A 234 -9.92 8.46 -14.90
CA HIS A 234 -9.65 9.76 -14.30
C HIS A 234 -8.18 10.13 -14.54
N MET A 235 -7.28 9.16 -14.31
CA MET A 235 -5.82 9.38 -14.45
C MET A 235 -5.48 9.75 -15.88
N GLU A 236 -6.10 9.05 -16.83
CA GLU A 236 -5.91 9.37 -18.23
C GLU A 236 -6.49 10.75 -18.66
N SER A 237 -7.72 11.11 -18.24
CA SER A 237 -8.18 12.51 -18.43
C SER A 237 -7.24 13.52 -17.79
N HIS A 238 -6.52 13.16 -16.73
CA HIS A 238 -5.74 14.19 -16.07
C HIS A 238 -4.21 14.13 -16.33
N GLY A 239 -3.84 13.53 -17.47
CA GLY A 239 -2.51 13.69 -18.01
C GLY A 239 -1.58 12.49 -17.87
N THR A 240 -2.06 11.39 -17.29
CA THR A 240 -1.23 10.21 -17.21
C THR A 240 -1.50 9.38 -18.47
N GLN A 241 -0.44 9.11 -19.24
CA GLN A 241 -0.53 8.23 -20.40
C GLN A 241 -0.55 6.77 -20.03
N PHE A 242 -1.23 5.97 -20.85
CA PHE A 242 -1.37 4.52 -20.58
C PHE A 242 -0.98 3.72 -21.84
N LEU A 243 -0.04 2.78 -21.70
CA LEU A 243 0.16 1.77 -22.72
C LEU A 243 -0.53 0.46 -22.29
N LYS A 244 -1.62 0.17 -22.96
CA LYS A 244 -2.46 -0.94 -22.53
C LYS A 244 -2.09 -2.21 -23.31
N GLY A 245 -2.05 -3.35 -22.60
CA GLY A 245 -1.82 -4.62 -23.27
C GLY A 245 -0.38 -4.69 -23.74
N CYS A 246 0.48 -3.95 -23.05
CA CYS A 246 1.88 -3.83 -23.40
C CYS A 246 2.74 -4.43 -22.31
N VAL A 247 3.83 -5.06 -22.71
CA VAL A 247 4.72 -5.73 -21.79
C VAL A 247 6.14 -5.37 -22.29
N PRO A 248 7.07 -4.98 -21.36
CA PRO A 248 8.40 -4.58 -21.86
C PRO A 248 9.25 -5.78 -22.33
N SER A 249 10.26 -5.53 -23.15
CA SER A 249 11.10 -6.65 -23.54
C SER A 249 12.59 -6.44 -23.32
N HIS A 250 13.02 -5.19 -23.20
CA HIS A 250 14.40 -4.82 -22.84
C HIS A 250 14.57 -3.32 -22.78
N ILE A 251 15.60 -2.88 -22.06
CA ILE A 251 15.89 -1.47 -21.90
C ILE A 251 17.33 -1.26 -22.32
N LYS A 252 17.61 -0.21 -23.07
CA LYS A 252 18.97 0.11 -23.50
C LYS A 252 19.22 1.51 -22.97
N LYS A 253 20.37 1.71 -22.34
CA LYS A 253 20.85 3.05 -22.00
C LYS A 253 21.57 3.71 -23.19
N LEU A 254 21.08 4.87 -23.61
CA LEU A 254 21.59 5.64 -24.74
C LEU A 254 22.79 6.56 -24.39
N PRO A 255 23.60 6.98 -25.41
CA PRO A 255 24.74 7.87 -25.09
C PRO A 255 24.37 9.13 -24.27
N THR A 256 23.09 9.49 -24.33
CA THR A 256 22.53 10.66 -23.65
C THR A 256 22.12 10.36 -22.19
N ASN A 257 22.21 9.07 -21.83
CA ASN A 257 21.81 8.53 -20.53
C ASN A 257 20.30 8.32 -20.43
N GLN A 258 19.55 8.80 -21.40
CA GLN A 258 18.15 8.37 -21.54
C GLN A 258 18.07 6.89 -21.85
N LEU A 259 16.88 6.35 -21.68
CA LEU A 259 16.63 4.93 -21.60
C LEU A 259 15.68 4.56 -22.69
N GLN A 260 16.10 3.68 -23.59
CA GLN A 260 15.21 3.30 -24.65
C GLN A 260 14.47 2.02 -24.30
N VAL A 261 13.14 2.10 -24.23
CA VAL A 261 12.34 0.95 -23.88
C VAL A 261 11.70 0.32 -25.13
N THR A 262 11.91 -0.98 -25.24
CA THR A 262 11.22 -1.73 -26.27
C THR A 262 10.19 -2.58 -25.56
N TRP A 263 9.01 -2.66 -26.16
CA TRP A 263 7.95 -3.47 -25.64
C TRP A 263 7.13 -4.13 -26.75
N GLU A 264 6.46 -5.22 -26.42
CA GLU A 264 5.42 -5.84 -27.25
C GLU A 264 4.03 -5.32 -26.87
N ASP A 265 3.30 -4.82 -27.87
CA ASP A 265 1.99 -4.21 -27.69
C ASP A 265 0.89 -5.18 -28.22
N HIS A 266 0.17 -5.84 -27.31
CA HIS A 266 -0.71 -6.96 -27.65
C HIS A 266 -2.03 -6.53 -28.30
N ALA A 267 -2.44 -5.29 -28.05
CA ALA A 267 -3.63 -4.66 -28.67
C ALA A 267 -3.41 -4.32 -30.14
N SER A 268 -2.15 -4.12 -30.56
CA SER A 268 -1.86 -4.03 -32.01
C SER A 268 -1.14 -5.26 -32.56
N GLY A 269 -0.27 -5.89 -31.77
CA GLY A 269 0.57 -6.99 -32.23
C GLY A 269 1.96 -6.56 -32.70
N LYS A 270 2.32 -5.31 -32.46
CA LYS A 270 3.59 -4.77 -32.93
C LYS A 270 4.53 -4.60 -31.76
N GLU A 271 5.84 -4.58 -32.02
CA GLU A 271 6.81 -4.09 -31.07
C GLU A 271 6.87 -2.59 -31.15
N ASP A 272 6.91 -1.95 -29.98
CA ASP A 272 7.04 -0.53 -30.00
C ASP A 272 8.25 -0.11 -29.21
N THR A 273 8.66 1.13 -29.43
CA THR A 273 9.76 1.71 -28.68
C THR A 273 9.38 3.11 -28.18
N GLY A 274 10.00 3.56 -27.10
CA GLY A 274 9.87 4.93 -26.60
C GLY A 274 11.02 5.22 -25.66
N THR A 275 11.39 6.50 -25.54
CA THR A 275 12.55 6.89 -24.73
C THR A 275 12.16 7.65 -23.46
N PHE A 276 12.74 7.27 -22.33
CA PHE A 276 12.31 7.79 -21.01
C PHE A 276 13.53 8.25 -20.24
N ASP A 277 13.36 8.93 -19.14
CA ASP A 277 14.48 9.25 -18.25
C ASP A 277 14.53 8.22 -17.14
N THR A 278 13.36 7.70 -16.72
CA THR A 278 13.31 6.73 -15.63
C THR A 278 12.27 5.63 -15.93
N VAL A 279 12.60 4.40 -15.55
CA VAL A 279 11.65 3.29 -15.64
C VAL A 279 11.47 2.77 -14.22
N LEU A 280 10.27 2.90 -13.67
CA LEU A 280 9.90 2.34 -12.39
C LEU A 280 9.18 1.00 -12.56
N TRP A 281 9.77 -0.08 -12.02
CA TRP A 281 9.09 -1.39 -11.94
C TRP A 281 8.25 -1.44 -10.71
N ALA A 282 6.96 -1.64 -10.89
CA ALA A 282 6.03 -1.77 -9.75
C ALA A 282 5.10 -2.94 -10.12
N ILE A 283 5.67 -4.15 -10.09
CA ILE A 283 5.02 -5.35 -10.66
C ILE A 283 4.89 -6.37 -9.52
N GLY A 284 4.74 -5.85 -8.32
CA GLY A 284 4.47 -6.68 -7.16
C GLY A 284 5.69 -6.78 -6.29
N ARG A 285 5.52 -7.43 -5.15
CA ARG A 285 6.57 -7.54 -4.14
C ARG A 285 6.78 -8.99 -3.75
N VAL A 286 8.01 -9.29 -3.33
CA VAL A 286 8.37 -10.67 -2.94
C VAL A 286 8.68 -10.66 -1.41
N PRO A 287 8.10 -11.59 -0.63
CA PRO A 287 8.35 -11.67 0.83
C PRO A 287 9.86 -11.91 1.11
N GLU A 288 10.40 -11.33 2.20
CA GLU A 288 11.82 -11.45 2.55
C GLU A 288 12.16 -12.67 3.48
N THR A 289 12.28 -13.83 2.83
CA THR A 289 12.43 -15.14 3.51
C THR A 289 13.63 -15.96 3.10
N ARG A 290 14.11 -15.70 1.86
CA ARG A 290 15.15 -16.54 1.24
C ARG A 290 16.49 -16.50 1.97
N THR A 291 16.81 -15.34 2.54
CA THR A 291 18.05 -15.14 3.31
C THR A 291 18.02 -15.67 4.77
N LEU A 292 16.83 -15.96 5.30
CA LEU A 292 16.64 -16.30 6.72
C LEU A 292 17.13 -17.71 7.10
N ASN A 293 17.49 -18.52 6.10
CA ASN A 293 17.74 -19.99 6.28
C ASN A 293 16.63 -20.68 7.11
N LEU A 294 15.37 -20.39 6.73
CA LEU A 294 14.14 -20.96 7.33
C LEU A 294 14.26 -22.44 7.53
N GLU A 295 14.84 -23.12 6.54
CA GLU A 295 15.16 -24.59 6.53
C GLU A 295 15.75 -25.11 7.85
N LYS A 296 16.74 -24.38 8.37
CA LYS A 296 17.46 -24.69 9.61
C LYS A 296 16.63 -24.49 10.91
N ALA A 297 15.43 -23.93 10.78
CA ALA A 297 14.50 -23.78 11.92
C ALA A 297 13.26 -24.70 11.82
N GLY A 298 13.04 -25.31 10.66
CA GLY A 298 11.84 -26.10 10.38
C GLY A 298 10.64 -25.24 9.99
N ILE A 299 10.89 -23.98 9.67
CA ILE A 299 9.83 -23.03 9.36
C ILE A 299 9.39 -23.19 7.89
N SER A 300 8.14 -23.61 7.69
CA SER A 300 7.64 -23.86 6.36
C SER A 300 7.16 -22.61 5.67
N THR A 301 7.32 -22.65 4.35
CA THR A 301 6.90 -21.60 3.47
C THR A 301 6.09 -22.21 2.36
N ASN A 302 5.10 -21.48 1.88
CA ASN A 302 4.36 -21.88 0.71
C ASN A 302 5.27 -21.55 -0.49
N PRO A 303 5.68 -22.58 -1.29
CA PRO A 303 6.57 -22.50 -2.46
C PRO A 303 6.14 -21.56 -3.59
N LYS A 304 4.87 -21.62 -4.03
CA LYS A 304 4.23 -20.60 -4.93
C LYS A 304 4.74 -19.15 -4.67
N ASN A 305 4.29 -18.56 -3.56
CA ASN A 305 4.87 -17.31 -3.06
C ASN A 305 5.98 -17.66 -2.06
N GLN A 306 6.76 -16.72 -1.59
CA GLN A 306 7.76 -17.29 -0.70
C GLN A 306 7.36 -17.00 0.79
N LYS A 307 6.05 -17.04 1.06
CA LYS A 307 5.54 -16.52 2.33
C LYS A 307 5.68 -17.59 3.39
N ILE A 308 5.58 -17.19 4.65
CA ILE A 308 5.58 -18.11 5.82
C ILE A 308 4.12 -18.50 6.20
N ILE A 309 3.88 -19.79 6.31
CA ILE A 309 2.55 -20.33 6.56
C ILE A 309 2.26 -20.18 8.04
N VAL A 310 1.12 -19.55 8.32
CA VAL A 310 0.69 -19.29 9.71
C VAL A 310 -0.73 -19.78 9.93
N ASP A 311 -1.08 -20.04 11.19
CA ASP A 311 -2.46 -20.30 11.63
C ASP A 311 -3.16 -18.97 12.11
N ALA A 312 -4.34 -19.10 12.75
CA ALA A 312 -5.15 -17.96 13.17
C ALA A 312 -4.54 -17.18 14.35
N GLN A 313 -3.57 -17.81 15.01
CA GLN A 313 -2.90 -17.29 16.22
C GLN A 313 -1.54 -16.76 15.82
N GLU A 314 -1.26 -16.80 14.49
CA GLU A 314 -0.05 -16.29 13.81
C GLU A 314 1.20 -17.22 13.95
N ALA A 315 1.01 -18.40 14.56
CA ALA A 315 2.08 -19.41 14.61
C ALA A 315 2.34 -20.09 13.27
N THR A 316 3.61 -20.15 12.83
CA THR A 316 4.03 -21.12 11.78
C THR A 316 3.89 -22.57 12.25
N SER A 317 4.83 -23.39 11.77
CA SER A 317 4.85 -24.84 11.96
C SER A 317 5.75 -25.21 13.15
N VAL A 318 6.62 -24.28 13.54
CA VAL A 318 7.37 -24.31 14.81
C VAL A 318 6.58 -23.54 15.87
N PRO A 319 6.19 -24.22 16.98
CA PRO A 319 5.24 -23.65 17.96
C PRO A 319 5.60 -22.36 18.75
N HIS A 320 6.85 -22.21 19.19
CA HIS A 320 7.30 -20.92 19.79
C HIS A 320 7.57 -19.76 18.77
N ILE A 321 7.26 -19.98 17.49
CA ILE A 321 7.64 -19.07 16.40
C ILE A 321 6.45 -18.60 15.56
N TYR A 322 6.40 -17.29 15.33
CA TYR A 322 5.27 -16.60 14.64
C TYR A 322 5.71 -15.76 13.45
N ALA A 323 4.82 -15.57 12.50
CA ALA A 323 5.11 -14.53 11.51
C ALA A 323 3.93 -13.66 11.38
N ILE A 324 4.22 -12.42 11.00
CA ILE A 324 3.21 -11.35 10.97
C ILE A 324 3.54 -10.42 9.77
N GLY A 325 2.54 -9.59 9.37
CA GLY A 325 2.68 -8.64 8.26
C GLY A 325 2.66 -9.21 6.87
N ASP A 326 3.23 -8.42 5.95
CA ASP A 326 3.58 -8.89 4.56
C ASP A 326 4.27 -10.29 4.35
N VAL A 327 4.98 -10.85 5.35
CA VAL A 327 5.71 -12.19 5.10
C VAL A 327 4.82 -13.38 5.32
N ALA A 328 3.68 -13.17 5.99
CA ALA A 328 2.76 -14.25 6.42
C ALA A 328 1.70 -14.45 5.37
N GLU A 329 1.55 -15.70 4.96
CA GLU A 329 0.58 -16.11 3.94
C GLU A 329 -0.88 -15.79 4.35
N GLY A 330 -1.69 -15.36 3.37
CA GLY A 330 -3.12 -15.11 3.56
C GLY A 330 -3.46 -13.83 4.34
N ARG A 331 -2.54 -12.85 4.38
CA ARG A 331 -2.73 -11.68 5.25
C ARG A 331 -2.74 -10.46 4.33
N PRO A 332 -3.64 -9.46 4.62
CA PRO A 332 -3.66 -8.22 3.82
C PRO A 332 -2.25 -7.60 3.89
N GLU A 333 -1.75 -7.07 2.81
CA GLU A 333 -0.44 -6.43 2.96
C GLU A 333 -0.62 -4.95 3.30
N LEU A 334 -0.92 -4.66 4.57
CA LEU A 334 -1.31 -3.30 5.07
C LEU A 334 -0.62 -3.06 6.40
N THR A 335 -0.33 -1.81 6.73
CA THR A 335 0.35 -1.49 7.93
C THR A 335 -0.63 -1.70 9.10
N PRO A 336 -1.85 -1.10 9.03
CA PRO A 336 -2.63 -1.31 10.25
C PRO A 336 -2.93 -2.74 10.67
N THR A 337 -3.08 -3.64 9.74
CA THR A 337 -3.31 -5.06 10.08
C THR A 337 -2.11 -5.70 10.71
N ALA A 338 -0.92 -5.27 10.30
CA ALA A 338 0.36 -5.81 10.78
C ALA A 338 0.64 -5.29 12.18
N ILE A 339 0.31 -4.02 12.37
CA ILE A 339 0.41 -3.38 13.70
C ILE A 339 -0.49 -4.06 14.73
N LYS A 340 -1.78 -4.17 14.38
CA LYS A 340 -2.78 -4.77 15.27
C LYS A 340 -2.46 -6.22 15.55
N ALA A 341 -2.06 -6.99 14.53
CA ALA A 341 -1.68 -8.39 14.71
C ALA A 341 -0.51 -8.54 15.69
N GLY A 342 0.50 -7.66 15.56
CA GLY A 342 1.65 -7.59 16.45
C GLY A 342 1.24 -7.29 17.89
N LYS A 343 0.37 -6.29 18.04
CA LYS A 343 -0.22 -5.98 19.36
C LYS A 343 -0.99 -7.15 19.99
N LEU A 344 -1.90 -7.75 19.24
CA LEU A 344 -2.67 -8.83 19.75
C LEU A 344 -1.79 -10.07 20.04
N LEU A 345 -0.73 -10.27 19.27
CA LEU A 345 0.17 -11.40 19.52
C LEU A 345 0.95 -11.20 20.82
N ALA A 346 1.54 -10.01 21.00
CA ALA A 346 2.18 -9.64 22.26
C ALA A 346 1.26 -9.93 23.43
N GLN A 347 -0.04 -9.61 23.23
CA GLN A 347 -1.04 -9.70 24.30
C GLN A 347 -1.54 -11.12 24.58
N ARG A 348 -1.51 -11.99 23.58
CA ARG A 348 -1.83 -13.40 23.75
C ARG A 348 -0.65 -14.13 24.43
N LEU A 349 0.57 -13.75 24.06
CA LEU A 349 1.82 -14.37 24.56
C LEU A 349 2.12 -13.96 25.97
N PHE A 350 2.01 -12.66 26.25
CA PHE A 350 2.48 -12.13 27.53
C PHE A 350 1.40 -11.42 28.37
N GLY A 351 0.14 -11.54 28.00
CA GLY A 351 -0.86 -10.63 28.57
C GLY A 351 -2.18 -11.26 28.92
N LYS A 352 -2.25 -12.59 28.85
CA LYS A 352 -3.47 -13.34 29.22
C LYS A 352 -4.66 -13.05 28.28
N SER A 353 -4.39 -12.50 27.10
CA SER A 353 -5.50 -12.24 26.21
C SER A 353 -5.79 -13.46 25.38
N SER A 354 -7.06 -13.64 25.01
CA SER A 354 -7.47 -14.72 24.07
C SER A 354 -7.94 -14.18 22.72
N THR A 355 -7.78 -12.87 22.52
CA THR A 355 -8.26 -12.19 21.31
C THR A 355 -7.45 -12.50 20.04
N LEU A 356 -8.12 -13.11 19.06
CA LEU A 356 -7.50 -13.31 17.75
C LEU A 356 -7.63 -12.05 16.89
N MET A 357 -6.70 -11.91 15.95
CA MET A 357 -6.81 -10.83 14.98
C MET A 357 -7.91 -11.09 13.98
N ASP A 358 -8.68 -10.06 13.69
CA ASP A 358 -9.76 -10.18 12.71
C ASP A 358 -9.39 -9.41 11.44
N TYR A 359 -9.16 -10.21 10.40
CA TYR A 359 -8.75 -9.73 9.09
C TYR A 359 -9.93 -9.52 8.13
N SER A 360 -11.15 -9.66 8.64
CA SER A 360 -12.35 -9.60 7.77
C SER A 360 -12.84 -8.15 7.61
N ASN A 361 -13.30 -7.77 6.41
CA ASN A 361 -13.79 -6.38 6.13
C ASN A 361 -12.84 -5.31 6.54
N VAL A 362 -11.53 -5.53 6.32
CA VAL A 362 -10.53 -4.42 6.45
C VAL A 362 -10.68 -3.38 5.32
N PRO A 363 -10.78 -2.08 5.68
CA PRO A 363 -10.89 -1.01 4.70
C PRO A 363 -9.52 -0.62 4.17
N THR A 364 -9.55 -0.17 2.91
CA THR A 364 -8.39 0.45 2.30
C THR A 364 -8.75 1.71 1.55
N THR A 365 -7.70 2.40 1.11
CA THR A 365 -7.79 3.45 0.19
C THR A 365 -6.62 3.41 -0.72
N VAL A 366 -6.91 3.49 -2.01
CA VAL A 366 -5.90 3.81 -3.02
C VAL A 366 -5.78 5.30 -3.29
N PHE A 367 -4.57 5.80 -3.05
CA PHE A 367 -4.35 7.26 -3.05
C PHE A 367 -3.93 7.75 -4.43
N THR A 368 -4.72 7.32 -5.41
CA THR A 368 -4.63 7.83 -6.72
C THR A 368 -5.03 9.32 -6.78
N PRO A 369 -4.72 9.97 -7.91
CA PRO A 369 -5.07 11.39 -8.07
C PRO A 369 -6.54 11.65 -7.61
N LEU A 370 -7.51 10.84 -8.07
CA LEU A 370 -8.81 10.76 -7.42
C LEU A 370 -8.76 9.47 -6.58
N GLU A 371 -9.06 9.60 -5.30
CA GLU A 371 -8.80 8.55 -4.34
C GLU A 371 -9.91 7.51 -4.34
N TYR A 372 -9.55 6.25 -4.13
CA TYR A 372 -10.52 5.22 -4.24
C TYR A 372 -10.53 4.48 -2.89
N GLY A 373 -11.61 4.63 -2.10
CA GLY A 373 -11.76 4.03 -0.78
C GLY A 373 -12.77 2.88 -0.89
N CYS A 374 -12.45 1.77 -0.23
CA CYS A 374 -13.37 0.67 -0.21
C CYS A 374 -13.25 -0.17 1.06
N VAL A 375 -14.34 -0.85 1.29
CA VAL A 375 -14.45 -1.76 2.42
C VAL A 375 -15.52 -2.81 2.11
N GLY A 376 -15.23 -4.04 2.47
CA GLY A 376 -16.17 -5.15 2.20
C GLY A 376 -15.98 -5.73 0.80
N LEU A 377 -17.03 -6.27 0.23
CA LEU A 377 -16.89 -6.98 -1.01
C LEU A 377 -16.91 -6.05 -2.20
N SER A 378 -16.13 -6.43 -3.22
CA SER A 378 -16.37 -5.89 -4.55
C SER A 378 -17.75 -6.39 -5.03
N GLU A 379 -18.39 -5.69 -5.97
CA GLU A 379 -19.65 -6.21 -6.58
C GLU A 379 -19.52 -7.62 -7.22
N GLU A 380 -18.48 -7.87 -8.02
CA GLU A 380 -18.23 -9.24 -8.49
C GLU A 380 -18.10 -10.31 -7.36
N GLU A 381 -17.40 -10.05 -6.27
CA GLU A 381 -17.21 -11.07 -5.22
C GLU A 381 -18.54 -11.33 -4.54
N ALA A 382 -19.37 -10.27 -4.44
CA ALA A 382 -20.68 -10.41 -3.88
C ALA A 382 -21.50 -11.30 -4.72
N VAL A 383 -21.55 -11.05 -6.03
CA VAL A 383 -22.40 -11.88 -6.87
C VAL A 383 -21.84 -13.27 -6.97
N ALA A 384 -20.51 -13.41 -7.07
CA ALA A 384 -19.90 -14.76 -6.84
C ALA A 384 -20.32 -15.47 -5.52
N LEU A 385 -20.36 -14.78 -4.40
CA LEU A 385 -20.71 -15.45 -3.13
C LEU A 385 -22.18 -15.77 -2.85
N HIS A 386 -23.10 -15.02 -3.47
CA HIS A 386 -24.55 -14.96 -3.10
C HIS A 386 -25.51 -15.09 -4.27
N GLY A 387 -25.05 -14.76 -5.48
CA GLY A 387 -25.86 -14.81 -6.69
C GLY A 387 -26.39 -13.45 -7.05
N GLN A 388 -26.44 -13.14 -8.36
CA GLN A 388 -26.87 -11.83 -8.88
C GLN A 388 -28.27 -11.45 -8.42
N GLU A 389 -29.15 -12.43 -8.35
CA GLU A 389 -30.55 -12.25 -7.97
C GLU A 389 -30.68 -12.05 -6.44
N HIS A 390 -29.59 -12.29 -5.71
CA HIS A 390 -29.62 -12.07 -4.24
C HIS A 390 -28.76 -10.89 -3.78
N VAL A 391 -28.38 -10.04 -4.73
CA VAL A 391 -27.57 -8.86 -4.50
C VAL A 391 -28.34 -7.59 -4.96
N GLU A 392 -28.24 -6.47 -4.22
CA GLU A 392 -28.77 -5.17 -4.67
C GLU A 392 -27.62 -4.15 -4.61
N VAL A 393 -27.51 -3.30 -5.64
CA VAL A 393 -26.43 -2.32 -5.67
C VAL A 393 -27.00 -0.94 -5.81
N TYR A 394 -26.64 -0.03 -4.91
CA TYR A 394 -27.07 1.37 -4.95
C TYR A 394 -25.94 2.14 -5.46
N HIS A 395 -26.17 3.03 -6.41
CA HIS A 395 -25.05 3.84 -6.97
C HIS A 395 -25.45 5.32 -7.30
N ALA A 396 -24.43 6.17 -7.49
CA ALA A 396 -24.55 7.62 -7.74
C ALA A 396 -23.26 8.22 -8.30
N TYR A 397 -23.39 9.07 -9.32
CA TYR A 397 -22.40 10.12 -9.59
C TYR A 397 -22.84 11.34 -8.81
N TYR A 398 -21.86 12.15 -8.40
CA TYR A 398 -22.05 13.31 -7.48
C TYR A 398 -20.93 14.29 -7.86
N LYS A 399 -21.07 15.53 -7.46
CA LYS A 399 -20.04 16.55 -7.62
C LYS A 399 -19.68 17.16 -6.27
N PRO A 400 -18.37 17.05 -5.86
CA PRO A 400 -17.99 17.80 -4.66
C PRO A 400 -18.34 19.30 -4.79
N LEU A 401 -18.94 19.92 -3.78
CA LEU A 401 -19.25 21.36 -3.81
C LEU A 401 -17.99 22.15 -4.16
N GLU A 402 -16.82 21.71 -3.63
CA GLU A 402 -15.57 22.41 -3.80
C GLU A 402 -15.14 22.37 -5.26
N PHE A 403 -15.54 21.32 -6.00
CA PHE A 403 -15.28 21.25 -7.49
C PHE A 403 -16.05 22.22 -8.34
N THR A 404 -17.16 22.76 -7.79
CA THR A 404 -18.12 23.56 -8.65
C THR A 404 -17.39 24.89 -8.97
N VAL A 405 -17.07 25.67 -7.92
CA VAL A 405 -16.38 26.97 -8.10
C VAL A 405 -15.01 26.80 -8.74
N ALA A 406 -14.37 25.66 -8.48
CA ALA A 406 -13.02 25.39 -8.95
C ALA A 406 -13.06 24.95 -10.40
N ASP A 407 -14.27 24.76 -10.91
CA ASP A 407 -14.38 24.22 -12.24
C ASP A 407 -13.58 22.89 -12.42
N ARG A 408 -13.64 22.01 -11.45
CA ARG A 408 -13.06 20.70 -11.74
C ARG A 408 -14.03 19.59 -12.04
N ASP A 409 -13.50 18.69 -12.86
CA ASP A 409 -14.19 17.60 -13.45
C ASP A 409 -14.54 16.53 -12.39
N ALA A 410 -15.85 16.30 -12.24
CA ALA A 410 -16.42 15.27 -11.38
C ALA A 410 -16.87 13.99 -12.14
N SER A 411 -16.56 13.85 -13.44
CA SER A 411 -16.91 12.58 -14.22
C SER A 411 -16.36 11.42 -13.41
N GLN A 412 -16.81 10.21 -13.37
CA GLN A 412 -15.87 9.49 -12.22
C GLN A 412 -15.94 9.74 -10.67
N CYS A 413 -16.51 10.83 -10.19
CA CYS A 413 -16.79 10.87 -8.74
C CYS A 413 -18.04 9.97 -8.58
N TYR A 414 -17.86 8.76 -8.13
CA TYR A 414 -18.92 7.74 -8.21
C TYR A 414 -18.79 6.94 -6.91
N ILE A 415 -19.94 6.56 -6.41
CA ILE A 415 -20.05 5.76 -5.23
C ILE A 415 -20.95 4.56 -5.54
N LYS A 416 -20.57 3.37 -5.11
CA LYS A 416 -21.56 2.27 -5.08
C LYS A 416 -21.56 1.52 -3.74
N MET A 417 -22.76 1.13 -3.30
CA MET A 417 -22.94 0.33 -2.04
C MET A 417 -23.59 -1.03 -2.42
N VAL A 418 -22.87 -2.14 -2.16
CA VAL A 418 -23.30 -3.47 -2.61
C VAL A 418 -24.00 -4.12 -1.41
N CYS A 419 -25.22 -4.59 -1.62
CA CYS A 419 -26.00 -5.18 -0.50
C CYS A 419 -26.59 -6.53 -0.78
N MET A 420 -27.01 -7.23 0.28
CA MET A 420 -27.97 -8.35 0.16
C MET A 420 -29.29 -7.76 -0.32
N ARG A 421 -30.02 -8.50 -1.13
CA ARG A 421 -31.20 -7.97 -1.76
C ARG A 421 -32.43 -8.08 -0.85
N GLU A 422 -32.51 -9.12 -0.03
CA GLU A 422 -33.64 -9.29 0.88
C GLU A 422 -33.53 -8.32 2.01
N PRO A 423 -34.67 -7.69 2.40
CA PRO A 423 -34.72 -6.73 3.51
C PRO A 423 -34.28 -7.32 4.87
N PRO A 424 -33.47 -6.54 5.64
CA PRO A 424 -33.29 -5.10 5.51
C PRO A 424 -32.18 -4.66 4.54
N GLN A 425 -31.64 -5.62 3.76
CA GLN A 425 -30.53 -5.40 2.77
C GLN A 425 -29.14 -5.13 3.42
N LEU A 426 -28.63 -6.12 4.13
CA LEU A 426 -27.31 -6.08 4.75
C LEU A 426 -26.24 -5.53 3.78
N VAL A 427 -25.52 -4.51 4.20
CA VAL A 427 -24.47 -3.96 3.35
C VAL A 427 -23.23 -4.87 3.28
N LEU A 428 -22.76 -5.16 2.07
CA LEU A 428 -21.70 -6.12 1.86
C LEU A 428 -20.38 -5.40 1.49
N GLY A 429 -20.54 -4.24 0.87
CA GLY A 429 -19.38 -3.52 0.34
C GLY A 429 -19.70 -2.10 0.05
N LEU A 430 -18.75 -1.21 0.33
CA LEU A 430 -18.85 0.19 -0.08
C LEU A 430 -17.64 0.58 -0.83
N HIS A 431 -17.86 1.39 -1.86
CA HIS A 431 -16.86 1.76 -2.82
C HIS A 431 -17.08 3.27 -3.12
N PHE A 432 -16.07 4.09 -2.82
CA PHE A 432 -16.18 5.56 -2.92
C PHE A 432 -14.99 6.11 -3.69
N LEU A 433 -15.29 6.83 -4.76
CA LEU A 433 -14.25 7.51 -5.54
C LEU A 433 -14.45 9.04 -5.43
N GLY A 434 -13.45 9.73 -4.89
CA GLY A 434 -13.63 11.12 -4.62
C GLY A 434 -12.56 11.69 -3.76
N PRO A 435 -12.68 12.98 -3.42
CA PRO A 435 -11.65 13.54 -2.57
C PRO A 435 -11.67 12.90 -1.20
N ASN A 436 -10.49 12.81 -0.54
CA ASN A 436 -10.40 12.36 0.88
C ASN A 436 -11.17 11.03 1.11
N ALA A 437 -11.03 10.10 0.17
CA ALA A 437 -11.73 8.85 0.24
C ALA A 437 -11.49 8.00 1.49
N GLY A 438 -10.24 7.98 2.01
CA GLY A 438 -9.90 7.30 3.25
C GLY A 438 -10.55 7.97 4.44
N GLU A 439 -10.67 9.28 4.45
CA GLU A 439 -11.49 9.97 5.50
C GLU A 439 -12.99 9.54 5.60
N VAL A 440 -13.56 9.49 4.42
CA VAL A 440 -14.91 9.02 4.17
C VAL A 440 -15.17 7.56 4.55
N THR A 441 -14.31 6.69 4.06
CA THR A 441 -14.48 5.25 4.18
C THR A 441 -14.47 4.72 5.57
N GLN A 442 -13.59 5.28 6.42
CA GLN A 442 -13.28 4.66 7.68
C GLN A 442 -14.51 4.37 8.54
N GLY A 443 -15.39 5.37 8.75
CA GLY A 443 -16.58 5.22 9.63
C GLY A 443 -17.51 4.16 9.10
N PHE A 444 -17.59 4.05 7.78
CA PHE A 444 -18.48 3.04 7.16
C PHE A 444 -17.98 1.61 7.35
N ALA A 445 -16.66 1.45 7.60
CA ALA A 445 -16.06 0.15 7.97
C ALA A 445 -16.59 -0.26 9.30
N LEU A 446 -16.73 0.68 10.21
CA LEU A 446 -17.41 0.37 11.46
C LEU A 446 -18.90 -0.07 11.24
N GLY A 447 -19.70 0.67 10.50
CA GLY A 447 -21.05 0.19 10.07
C GLY A 447 -21.03 -1.27 9.58
N ILE A 448 -20.08 -1.65 8.73
CA ILE A 448 -19.92 -3.07 8.26
C ILE A 448 -19.61 -3.99 9.42
N LYS A 449 -18.68 -3.61 10.28
CA LYS A 449 -18.33 -4.42 11.43
C LYS A 449 -19.59 -4.68 12.26
N CYS A 450 -20.48 -3.69 12.34
CA CYS A 450 -21.68 -3.84 13.15
C CYS A 450 -22.82 -4.54 12.47
N GLY A 451 -22.68 -4.86 11.18
CA GLY A 451 -23.74 -5.45 10.38
C GLY A 451 -24.85 -4.47 10.00
N ALA A 452 -24.48 -3.21 9.72
CA ALA A 452 -25.41 -2.26 9.11
C ALA A 452 -26.23 -2.85 7.92
N SER A 453 -27.50 -2.44 7.82
CA SER A 453 -28.25 -2.68 6.60
C SER A 453 -28.48 -1.38 5.79
N TYR A 454 -28.93 -1.54 4.54
CA TYR A 454 -29.38 -0.40 3.79
C TYR A 454 -30.59 0.36 4.48
N ALA A 455 -31.50 -0.38 5.09
CA ALA A 455 -32.50 0.23 5.95
C ALA A 455 -31.88 1.22 6.93
N GLN A 456 -30.76 0.85 7.59
CA GLN A 456 -30.13 1.74 8.61
C GLN A 456 -29.39 2.89 7.90
N VAL A 457 -28.89 2.63 6.68
CA VAL A 457 -28.28 3.66 5.89
C VAL A 457 -29.31 4.78 5.51
N MET A 458 -30.51 4.40 5.06
CA MET A 458 -31.56 5.38 4.69
C MET A 458 -31.92 6.27 5.87
N GLN A 459 -31.84 5.71 7.06
CA GLN A 459 -32.22 6.48 8.20
C GLN A 459 -31.10 7.31 8.85
N THR A 460 -29.87 7.20 8.31
CA THR A 460 -28.74 8.02 8.72
C THR A 460 -28.77 9.34 7.98
N VAL A 461 -28.84 10.42 8.74
CA VAL A 461 -29.00 11.75 8.15
C VAL A 461 -27.64 12.23 7.63
N GLY A 462 -27.61 12.85 6.44
CA GLY A 462 -26.41 13.50 5.90
C GLY A 462 -25.84 14.69 6.69
N ILE A 463 -24.53 14.90 6.62
CA ILE A 463 -23.93 16.15 7.04
C ILE A 463 -23.84 16.96 5.74
N HIS A 464 -24.34 18.18 5.73
CA HIS A 464 -24.36 18.98 4.50
C HIS A 464 -23.57 20.28 4.72
N PRO A 465 -22.75 20.71 3.76
CA PRO A 465 -22.42 20.05 2.51
C PRO A 465 -21.17 19.20 2.59
N THR A 466 -21.27 17.93 2.22
CA THR A 466 -20.10 17.05 2.22
C THR A 466 -20.21 16.10 1.07
N CYS A 467 -19.09 15.45 0.74
CA CYS A 467 -19.12 14.33 -0.20
C CYS A 467 -19.65 13.10 0.47
N SER A 468 -19.17 12.82 1.70
CA SER A 468 -19.62 11.66 2.45
C SER A 468 -21.15 11.52 2.56
N GLU A 469 -21.88 12.64 2.67
CA GLU A 469 -23.37 12.53 2.69
C GLU A 469 -24.02 11.82 1.51
N GLU A 470 -23.39 11.90 0.33
CA GLU A 470 -23.80 11.18 -0.84
C GLU A 470 -23.87 9.69 -0.59
N VAL A 471 -23.05 9.17 0.32
CA VAL A 471 -23.13 7.74 0.65
C VAL A 471 -24.48 7.47 1.30
N VAL A 472 -24.93 8.39 2.11
CA VAL A 472 -26.14 8.15 2.92
C VAL A 472 -27.37 8.54 2.13
N LYS A 473 -27.12 9.08 0.94
CA LYS A 473 -28.21 9.54 0.08
C LYS A 473 -28.54 8.53 -1.03
N LEU A 474 -27.79 7.44 -1.06
CA LEU A 474 -27.82 6.44 -2.15
C LEU A 474 -29.20 5.84 -2.22
N HIS A 475 -29.76 5.73 -3.41
CA HIS A 475 -31.22 5.35 -3.54
C HIS A 475 -31.53 4.73 -4.90
N ILE A 476 -30.66 4.99 -5.88
CA ILE A 476 -30.81 4.39 -7.21
C ILE A 476 -30.10 3.02 -7.31
N SER A 477 -30.87 1.98 -7.55
CA SER A 477 -30.36 0.65 -7.67
C SER A 477 -29.90 0.36 -9.13
N LYS A 478 -28.84 -0.43 -9.29
CA LYS A 478 -28.51 -0.91 -10.64
C LYS A 478 -29.67 -1.72 -11.24
N ARG A 479 -30.40 -2.46 -10.38
CA ARG A 479 -31.52 -3.30 -10.91
C ARG A 479 -32.61 -2.47 -11.59
N SER A 480 -32.89 -1.27 -11.08
CA SER A 480 -33.91 -0.38 -11.67
C SER A 480 -33.53 0.10 -13.08
N GLY A 481 -32.23 0.20 -13.34
CA GLY A 481 -31.76 0.77 -14.58
C GLY A 481 -31.99 2.29 -14.68
N LEU A 482 -32.29 2.96 -13.58
CA LEU A 482 -32.45 4.42 -13.63
C LEU A 482 -31.07 5.14 -13.64
N GLU A 483 -31.05 6.36 -14.17
CA GLU A 483 -29.87 7.22 -14.35
C GLU A 483 -29.20 7.51 -13.00
N PRO A 484 -27.90 7.13 -12.81
CA PRO A 484 -27.29 7.43 -11.48
C PRO A 484 -26.69 8.84 -11.30
N THR A 485 -26.85 9.75 -12.27
CA THR A 485 -26.19 11.07 -12.17
C THR A 485 -27.14 12.20 -11.71
PA FAD B . 8.01 -4.00 6.89
O1A FAD B . 7.57 -2.62 7.19
O2A FAD B . 8.20 -4.22 5.43
O5B FAD B . 9.33 -4.26 7.76
C5B FAD B . 10.20 -5.29 7.55
C4B FAD B . 11.51 -4.79 8.09
O4B FAD B . 12.38 -5.91 8.26
C3B FAD B . 12.22 -3.94 7.06
O3B FAD B . 12.87 -2.98 7.88
C2B FAD B . 13.21 -4.92 6.40
O2B FAD B . 14.30 -4.23 5.81
C1B FAD B . 13.62 -5.74 7.61
N9A FAD B . 14.25 -7.07 7.40
C8A FAD B . 13.99 -7.98 6.39
N7A FAD B . 14.76 -9.03 6.55
C5A FAD B . 15.54 -8.86 7.64
C6A FAD B . 16.50 -9.65 8.27
N6A FAD B . 17.02 -10.77 7.69
N1A FAD B . 17.13 -9.14 9.39
C2A FAD B . 16.80 -7.93 9.94
N3A FAD B . 15.85 -7.14 9.33
C4A FAD B . 15.24 -7.60 8.19
N1 FAD B . 0.03 0.08 3.58
C2 FAD B . -1.06 0.80 4.09
O2 FAD B . -1.68 0.32 5.03
N3 FAD B . -1.44 2.03 3.53
C4 FAD B . -0.75 2.53 2.44
O4 FAD B . -0.99 3.67 2.02
C4X FAD B . 0.37 1.80 1.93
N5 FAD B . 1.13 2.26 0.86
C5X FAD B . 2.26 1.57 0.45
C6 FAD B . 3.00 2.06 -0.62
C7 FAD B . 4.12 1.36 -1.07
C7M FAD B . 5.01 2.04 -2.09
C8 FAD B . 4.52 0.15 -0.46
C8M FAD B . 5.65 -0.61 -1.06
C9 FAD B . 3.79 -0.39 0.61
C9A FAD B . 2.64 0.36 1.05
N10 FAD B . 1.86 -0.11 2.10
C10 FAD B . 0.76 0.58 2.54
C1' FAD B . 2.13 -1.53 2.58
C2' FAD B . 2.72 -1.41 3.98
O2' FAD B . 3.89 -0.62 3.93
C3' FAD B . 3.06 -2.79 4.48
O3' FAD B . 1.86 -3.57 4.35
C4' FAD B . 3.75 -2.81 5.85
O4' FAD B . 4.86 -1.94 5.95
C5' FAD B . 4.28 -4.21 6.16
O5' FAD B . 4.91 -4.15 7.43
P FAD B . 5.67 -5.39 8.03
O1P FAD B . 5.56 -5.50 9.51
O2P FAD B . 5.10 -6.64 7.46
O3P FAD B . 7.13 -5.26 7.42
PA NA7 C . 0.86 -8.14 -7.69
O1A NA7 C . 1.67 -9.11 -8.49
O2A NA7 C . -0.47 -8.75 -7.47
O5B NA7 C . 0.69 -6.67 -8.41
C5B NA7 C . 1.55 -6.16 -9.42
C4B NA7 C . 0.83 -5.46 -10.59
O4B NA7 C . 1.74 -5.17 -11.66
C3B NA7 C . -0.29 -6.34 -11.15
O3B NA7 C . -1.54 -5.66 -11.15
C2B NA7 C . 0.27 -6.84 -12.51
O2B NA7 C . -0.57 -6.98 -13.65
C1B NA7 C . 1.48 -5.97 -12.82
N9A NA7 C . 2.55 -6.95 -13.23
C8A NA7 C . 2.90 -8.09 -12.53
N7A NA7 C . 3.89 -8.73 -13.20
C5A NA7 C . 4.18 -8.02 -14.31
C6A NA7 C . 5.11 -8.22 -15.32
N6A NA7 C . 6.06 -9.13 -15.15
N1A NA7 C . 5.22 -7.30 -16.38
C2A NA7 C . 4.39 -6.20 -16.43
N3A NA7 C . 3.47 -6.01 -15.40
C4A NA7 C . 3.35 -6.90 -14.36
O3 NA7 C . 1.57 -7.73 -6.24
PN NA7 C . 2.23 -8.59 -5.00
O1N NA7 C . 3.00 -9.73 -5.57
O2N NA7 C . 2.88 -7.66 -4.05
O5D NA7 C . 0.93 -9.20 -4.22
C5D NA7 C . 0.97 -10.29 -3.30
C4D NA7 C . 0.01 -11.41 -3.70
O4D NA7 C . -1.27 -11.13 -3.16
C3D NA7 C . -0.12 -11.56 -5.23
O3D NA7 C . 0.21 -12.86 -5.69
C2D NA7 C . -1.57 -11.19 -5.54
O2D NA7 C . -2.19 -12.15 -6.38
C1D NA7 C . -2.26 -11.05 -4.18
P2B NA7 C . -1.48 -8.30 -13.77
O1X NA7 C . -1.99 -8.44 -15.19
O2X NA7 C . -0.75 -9.53 -13.26
O3X NA7 C . -2.68 -8.18 -12.87
#